data_3DJ8
#
_entry.id   3DJ8
#
_cell.length_a   90.623
_cell.length_b   90.623
_cell.length_c   69.560
_cell.angle_alpha   90.00
_cell.angle_beta   90.00
_cell.angle_gamma   120.00
#
_symmetry.space_group_name_H-M   'P 3'
#
loop_
_entity.id
_entity.type
_entity.pdbx_description
1 polymer Arginase-1
2 non-polymer 'MANGANESE (II) ION'
3 non-polymer 6-[(2R)-oxiran-2-yl]-L-norleucine
4 water water
#
_entity_poly.entity_id   1
_entity_poly.type   'polypeptide(L)'
_entity_poly.pdbx_seq_one_letter_code
;MSAKSRTIGIIGAPFSKGQPRGGVEEGPTVLRKAGLLEKLKEQECDVKDYGDLPFADIPNDSPFQIVKNPRSVGKASEQL
AGKVAEVKKNGRISLVLGGDHSLAIGSISGHARVHPDLGVIWVDAHTDINTPLTTTSGNLHGQPVSFLLKELKGKIPDVP
GFSWVTPCISAKDIVYIGLRDVDPGEHYILKTLGIKYFSMTEVDRLGIGKVMEETLSYLLGRKKRPIHLSFDVDGLDPSF
TPATGTPVVGGLTYREGLYITEEIYKTGLLSGLDIMEVNPSLGKTPEEVTRTVNTAVAITLACFGLAREGNHKPIDYLNP
PK
;
_entity_poly.pdbx_strand_id   A,B
#
loop_
_chem_comp.id
_chem_comp.type
_chem_comp.name
_chem_comp.formula
MN non-polymer 'MANGANESE (II) ION' 'Mn 2'
#
# COMPACT_ATOMS: atom_id res chain seq x y z
N ARG A 6 15.82 -34.45 -1.93
CA ARG A 6 14.70 -35.15 -1.22
C ARG A 6 13.43 -35.18 -2.07
N THR A 7 12.33 -35.65 -1.49
CA THR A 7 11.04 -35.75 -2.16
C THR A 7 10.27 -34.45 -1.89
N ILE A 8 10.07 -33.67 -2.95
CA ILE A 8 9.44 -32.36 -2.82
C ILE A 8 8.01 -32.23 -3.38
N GLY A 9 7.23 -31.37 -2.73
CA GLY A 9 5.87 -31.11 -3.16
C GLY A 9 5.71 -29.61 -3.28
N ILE A 10 5.77 -29.11 -4.52
CA ILE A 10 5.65 -27.67 -4.77
C ILE A 10 4.23 -27.20 -4.75
N ILE A 11 4.00 -26.09 -4.07
CA ILE A 11 2.67 -25.49 -3.96
C ILE A 11 2.79 -23.98 -4.09
N GLY A 12 2.23 -23.46 -5.17
CA GLY A 12 2.26 -22.02 -5.38
C GLY A 12 1.15 -21.36 -4.60
N ALA A 13 1.47 -20.24 -3.96
CA ALA A 13 0.49 -19.49 -3.19
C ALA A 13 0.52 -18.02 -3.60
N PRO A 14 -0.04 -17.70 -4.77
CA PRO A 14 -0.10 -16.33 -5.29
C PRO A 14 -1.09 -15.46 -4.51
N PHE A 15 -0.68 -15.05 -3.32
CA PHE A 15 -1.54 -14.25 -2.45
C PHE A 15 -0.79 -13.01 -1.95
N SER A 16 -1.50 -11.89 -1.81
CA SER A 16 -0.89 -10.63 -1.38
C SER A 16 -1.65 -9.81 -0.32
N LYS A 17 -2.90 -10.16 -0.03
CA LYS A 17 -3.70 -9.41 0.93
C LYS A 17 -3.27 -9.37 2.39
N GLY A 18 -2.10 -9.96 2.68
CA GLY A 18 -1.57 -9.93 4.02
C GLY A 18 -0.84 -8.59 4.20
N GLN A 19 -0.76 -7.84 3.09
CA GLN A 19 -0.10 -6.53 3.08
C GLN A 19 -0.60 -5.67 1.89
N PRO A 20 -0.20 -4.38 1.82
CA PRO A 20 -0.60 -3.45 0.75
C PRO A 20 -0.15 -3.59 -0.71
N ARG A 21 1.14 -3.84 -0.97
CA ARG A 21 1.63 -3.96 -2.35
C ARG A 21 1.28 -5.31 -2.98
N GLY A 22 0.57 -5.27 -4.10
CA GLY A 22 0.12 -6.49 -4.76
C GLY A 22 1.03 -7.40 -5.58
N GLY A 23 2.11 -6.88 -6.13
CA GLY A 23 3.00 -7.70 -6.93
C GLY A 23 3.55 -8.99 -6.32
N VAL A 24 3.44 -9.12 -5.01
CA VAL A 24 3.94 -10.30 -4.31
C VAL A 24 3.25 -11.60 -4.74
N GLU A 25 2.02 -11.49 -5.24
CA GLU A 25 1.29 -12.68 -5.69
C GLU A 25 1.88 -13.24 -6.99
N GLU A 26 2.91 -12.59 -7.52
CA GLU A 26 3.59 -13.02 -8.74
C GLU A 26 4.78 -13.91 -8.36
N GLY A 27 5.07 -13.99 -7.06
CA GLY A 27 6.17 -14.79 -6.57
C GLY A 27 6.28 -16.16 -7.21
N PRO A 28 5.21 -16.99 -7.15
CA PRO A 28 5.23 -18.33 -7.75
C PRO A 28 5.62 -18.30 -9.22
N THR A 29 5.09 -17.32 -9.95
CA THR A 29 5.35 -17.19 -11.38
C THR A 29 6.82 -16.93 -11.73
N VAL A 30 7.39 -15.85 -11.22
CA VAL A 30 8.78 -15.53 -11.52
C VAL A 30 9.75 -16.60 -11.02
N LEU A 31 9.42 -17.27 -9.92
CA LEU A 31 10.29 -18.31 -9.40
C LEU A 31 10.25 -19.53 -10.32
N ARG A 32 9.05 -19.94 -10.72
CA ARG A 32 8.91 -21.08 -11.63
C ARG A 32 9.59 -20.75 -12.94
N LYS A 33 9.38 -19.52 -13.41
CA LYS A 33 9.96 -19.05 -14.66
C LYS A 33 11.48 -18.92 -14.58
N ALA A 34 12.02 -19.13 -13.39
CA ALA A 34 13.46 -19.06 -13.19
C ALA A 34 14.03 -20.47 -13.36
N GLY A 35 13.13 -21.43 -13.57
CA GLY A 35 13.54 -22.80 -13.76
C GLY A 35 13.70 -23.58 -12.46
N LEU A 36 12.96 -23.17 -11.43
CA LEU A 36 13.03 -23.82 -10.12
C LEU A 36 12.75 -25.32 -10.15
N LEU A 37 11.66 -25.72 -10.81
CA LEU A 37 11.31 -27.14 -10.87
C LEU A 37 12.41 -27.94 -11.54
N GLU A 38 12.82 -27.48 -12.72
CA GLU A 38 13.88 -28.14 -13.47
C GLU A 38 15.15 -28.22 -12.64
N LYS A 39 15.57 -27.08 -12.09
CA LYS A 39 16.79 -27.03 -11.27
C LYS A 39 16.76 -28.08 -10.17
N LEU A 40 15.61 -28.19 -9.48
CA LEU A 40 15.48 -29.17 -8.41
C LEU A 40 15.64 -30.57 -8.99
N LYS A 41 14.99 -30.82 -10.12
CA LYS A 41 15.09 -32.12 -10.75
C LYS A 41 16.54 -32.40 -11.18
N GLU A 42 17.25 -31.33 -11.53
CA GLU A 42 18.65 -31.45 -11.95
C GLU A 42 19.52 -31.96 -10.80
N GLN A 43 18.90 -32.07 -9.63
CA GLN A 43 19.59 -32.56 -8.45
C GLN A 43 19.01 -33.94 -8.14
N GLU A 44 19.15 -34.36 -6.89
CA GLU A 44 18.63 -35.65 -6.47
C GLU A 44 17.22 -35.46 -5.91
N CYS A 45 16.41 -34.69 -6.62
CA CYS A 45 15.05 -34.38 -6.16
C CYS A 45 13.89 -34.97 -6.94
N ASP A 46 12.93 -35.52 -6.19
CA ASP A 46 11.70 -36.10 -6.75
C ASP A 46 10.67 -34.98 -6.57
N VAL A 47 10.38 -34.27 -7.65
CA VAL A 47 9.48 -33.13 -7.61
C VAL A 47 8.08 -33.26 -8.25
N LYS A 48 7.06 -32.90 -7.46
CA LYS A 48 5.68 -32.93 -7.92
C LYS A 48 5.06 -31.57 -7.61
N ASP A 49 4.65 -30.87 -8.67
CA ASP A 49 4.05 -29.55 -8.52
C ASP A 49 2.53 -29.64 -8.35
N TYR A 50 2.05 -29.25 -7.17
CA TYR A 50 0.64 -29.27 -6.88
C TYR A 50 -0.04 -28.02 -7.44
N GLY A 51 0.68 -27.33 -8.32
CA GLY A 51 0.18 -26.13 -8.96
C GLY A 51 -0.01 -24.94 -8.03
N ASP A 52 -0.57 -23.87 -8.57
CA ASP A 52 -0.84 -22.66 -7.80
C ASP A 52 -2.25 -22.77 -7.24
N LEU A 53 -2.42 -22.47 -5.97
CA LEU A 53 -3.74 -22.53 -5.37
C LEU A 53 -4.56 -21.36 -5.89
N PRO A 54 -5.83 -21.60 -6.22
CA PRO A 54 -6.72 -20.55 -6.72
C PRO A 54 -7.42 -19.89 -5.52
N PHE A 55 -7.00 -18.69 -5.19
CA PHE A 55 -7.56 -17.96 -4.05
C PHE A 55 -8.74 -17.08 -4.45
N ALA A 56 -9.94 -17.65 -4.36
CA ALA A 56 -11.15 -16.93 -4.72
C ALA A 56 -11.21 -15.53 -4.12
N ASP A 57 -11.74 -14.61 -4.92
CA ASP A 57 -11.91 -13.21 -4.58
C ASP A 57 -12.98 -13.07 -3.47
N ILE A 58 -12.66 -12.31 -2.42
CA ILE A 58 -13.63 -12.08 -1.35
C ILE A 58 -13.90 -10.58 -1.30
N PRO A 59 -14.76 -10.09 -2.22
CA PRO A 59 -15.15 -8.67 -2.35
C PRO A 59 -15.55 -7.98 -1.05
N ASN A 60 -16.28 -8.70 -0.20
CA ASN A 60 -16.73 -8.14 1.07
C ASN A 60 -15.80 -8.58 2.20
N ASP A 61 -14.84 -7.71 2.50
CA ASP A 61 -13.86 -7.99 3.53
C ASP A 61 -13.36 -6.70 4.17
N SER A 62 -14.23 -6.08 4.96
CA SER A 62 -13.88 -4.84 5.65
C SER A 62 -13.00 -5.17 6.84
N PRO A 63 -12.13 -4.21 7.24
CA PRO A 63 -11.24 -4.43 8.37
C PRO A 63 -11.95 -4.83 9.65
N PHE A 64 -11.25 -5.63 10.45
CA PHE A 64 -11.74 -6.03 11.76
C PHE A 64 -10.92 -5.08 12.61
N GLN A 65 -11.55 -4.03 13.10
CA GLN A 65 -10.84 -3.02 13.87
C GLN A 65 -9.77 -2.46 12.92
N ILE A 66 -8.50 -2.61 13.28
CA ILE A 66 -7.39 -2.11 12.45
C ILE A 66 -6.91 -3.15 11.43
N VAL A 67 -7.18 -4.42 11.71
CA VAL A 67 -6.75 -5.53 10.85
C VAL A 67 -7.39 -5.53 9.46
N LYS A 68 -6.55 -5.57 8.42
CA LYS A 68 -7.01 -5.54 7.03
C LYS A 68 -7.13 -6.86 6.27
N ASN A 69 -8.20 -6.97 5.49
CA ASN A 69 -8.48 -8.14 4.66
C ASN A 69 -8.43 -9.43 5.47
N PRO A 70 -9.03 -9.45 6.67
CA PRO A 70 -9.00 -10.66 7.49
C PRO A 70 -9.62 -11.91 6.88
N ARG A 71 -10.73 -11.76 6.18
CA ARG A 71 -11.39 -12.91 5.58
C ARG A 71 -10.62 -13.56 4.45
N SER A 72 -10.05 -12.75 3.56
CA SER A 72 -9.29 -13.30 2.44
C SER A 72 -7.99 -13.92 2.95
N VAL A 73 -7.36 -13.29 3.94
CA VAL A 73 -6.12 -13.84 4.50
C VAL A 73 -6.42 -15.14 5.24
N GLY A 74 -7.43 -15.11 6.10
CA GLY A 74 -7.79 -16.30 6.87
C GLY A 74 -8.20 -17.45 5.98
N LYS A 75 -8.83 -17.11 4.85
CA LYS A 75 -9.28 -18.11 3.89
C LYS A 75 -8.10 -18.71 3.10
N ALA A 76 -7.17 -17.85 2.66
CA ALA A 76 -6.00 -18.30 1.90
C ALA A 76 -5.14 -19.26 2.72
N SER A 77 -4.97 -18.96 4.01
CA SER A 77 -4.19 -19.82 4.88
C SER A 77 -4.96 -21.11 5.14
N GLU A 78 -6.27 -21.02 5.29
CA GLU A 78 -7.09 -22.21 5.52
C GLU A 78 -6.93 -23.13 4.30
N GLN A 79 -7.02 -22.55 3.11
CA GLN A 79 -6.87 -23.33 1.88
C GLN A 79 -5.47 -23.90 1.81
N LEU A 80 -4.47 -23.08 2.07
CA LEU A 80 -3.08 -23.53 2.03
C LEU A 80 -2.81 -24.63 3.05
N ALA A 81 -3.39 -24.52 4.24
CA ALA A 81 -3.19 -25.52 5.28
C ALA A 81 -3.63 -26.91 4.79
N GLY A 82 -4.78 -26.96 4.12
CA GLY A 82 -5.26 -28.23 3.62
C GLY A 82 -4.32 -28.86 2.60
N LYS A 83 -3.80 -28.03 1.70
CA LYS A 83 -2.89 -28.48 0.64
C LYS A 83 -1.58 -29.05 1.17
N VAL A 84 -0.98 -28.33 2.14
CA VAL A 84 0.27 -28.74 2.75
C VAL A 84 0.09 -30.09 3.46
N ALA A 85 -1.01 -30.24 4.19
CA ALA A 85 -1.29 -31.48 4.91
C ALA A 85 -1.34 -32.63 3.91
N GLU A 86 -1.89 -32.34 2.74
CA GLU A 86 -1.99 -33.33 1.68
C GLU A 86 -0.62 -33.75 1.20
N VAL A 87 0.21 -32.78 0.79
CA VAL A 87 1.54 -33.11 0.30
C VAL A 87 2.36 -33.81 1.40
N LYS A 88 2.13 -33.43 2.67
CA LYS A 88 2.85 -34.07 3.76
C LYS A 88 2.37 -35.51 3.92
N LYS A 89 1.09 -35.73 3.67
CA LYS A 89 0.52 -37.07 3.77
C LYS A 89 1.01 -37.91 2.61
N ASN A 90 1.52 -37.25 1.57
CA ASN A 90 2.05 -37.94 0.40
C ASN A 90 3.52 -38.26 0.53
N GLY A 91 4.06 -38.04 1.74
CA GLY A 91 5.46 -38.32 2.00
C GLY A 91 6.43 -37.34 1.39
N ARG A 92 5.96 -36.12 1.13
CA ARG A 92 6.80 -35.10 0.51
C ARG A 92 7.03 -33.86 1.35
N ILE A 93 8.16 -33.21 1.12
CA ILE A 93 8.51 -31.97 1.81
C ILE A 93 7.75 -30.87 1.06
N SER A 94 6.91 -30.15 1.77
CA SER A 94 6.12 -29.08 1.14
C SER A 94 6.98 -27.85 0.86
N LEU A 95 6.91 -27.36 -0.37
CA LEU A 95 7.65 -26.17 -0.77
C LEU A 95 6.61 -25.13 -1.15
N VAL A 96 6.34 -24.20 -0.24
CA VAL A 96 5.34 -23.17 -0.51
C VAL A 96 5.95 -21.91 -1.11
N LEU A 97 5.75 -21.72 -2.42
CA LEU A 97 6.24 -20.53 -3.10
C LEU A 97 5.13 -19.53 -2.84
N GLY A 98 5.41 -18.52 -2.04
CA GLY A 98 4.33 -17.61 -1.76
C GLY A 98 4.35 -16.17 -2.19
N GLY A 99 3.41 -15.48 -1.59
CA GLY A 99 3.25 -14.06 -1.76
C GLY A 99 3.70 -13.62 -0.39
N ASP A 100 2.85 -12.90 0.32
CA ASP A 100 3.20 -12.41 1.65
C ASP A 100 3.27 -13.48 2.72
N HIS A 101 3.96 -13.16 3.80
CA HIS A 101 4.19 -14.08 4.91
C HIS A 101 3.00 -14.46 5.78
N SER A 102 1.84 -13.84 5.54
CA SER A 102 0.65 -14.18 6.33
C SER A 102 0.29 -15.63 6.07
N LEU A 103 0.72 -16.13 4.91
CA LEU A 103 0.47 -17.50 4.47
C LEU A 103 1.14 -18.53 5.38
N ALA A 104 2.08 -18.09 6.19
CA ALA A 104 2.79 -18.99 7.11
C ALA A 104 1.79 -19.62 8.07
N ILE A 105 0.71 -18.89 8.36
CA ILE A 105 -0.31 -19.40 9.25
C ILE A 105 -0.88 -20.73 8.73
N GLY A 106 -1.20 -20.77 7.45
CA GLY A 106 -1.73 -21.99 6.87
C GLY A 106 -0.68 -23.05 6.60
N SER A 107 0.51 -22.63 6.20
CA SER A 107 1.58 -23.57 5.91
C SER A 107 2.02 -24.32 7.15
N ILE A 108 2.26 -23.60 8.24
CA ILE A 108 2.68 -24.24 9.47
C ILE A 108 1.52 -25.02 10.10
N SER A 109 0.30 -24.50 9.95
CA SER A 109 -0.87 -25.17 10.50
C SER A 109 -1.09 -26.53 9.85
N GLY A 110 -1.04 -26.56 8.52
CA GLY A 110 -1.25 -27.79 7.78
C GLY A 110 -0.14 -28.80 7.99
N HIS A 111 1.06 -28.28 8.18
CA HIS A 111 2.24 -29.12 8.41
C HIS A 111 2.12 -29.84 9.75
N ALA A 112 1.79 -29.08 10.80
CA ALA A 112 1.65 -29.61 12.16
C ALA A 112 0.49 -30.61 12.31
N ARG A 113 -0.44 -30.62 11.37
CA ARG A 113 -1.55 -31.57 11.42
C ARG A 113 -1.00 -32.98 11.22
N VAL A 114 -0.06 -33.11 10.29
CA VAL A 114 0.56 -34.40 9.98
C VAL A 114 1.76 -34.67 10.89
N HIS A 115 2.45 -33.60 11.27
CA HIS A 115 3.62 -33.71 12.13
C HIS A 115 3.56 -32.71 13.28
N PRO A 116 2.69 -32.97 14.26
CA PRO A 116 2.52 -32.07 15.41
C PRO A 116 3.78 -31.74 16.22
N ASP A 117 4.84 -32.52 16.04
CA ASP A 117 6.08 -32.30 16.79
C ASP A 117 7.13 -31.47 16.05
N LEU A 118 6.70 -30.76 15.01
CA LEU A 118 7.61 -29.94 14.21
C LEU A 118 8.25 -28.76 14.96
N GLY A 119 9.45 -28.40 14.51
CA GLY A 119 10.18 -27.28 15.07
C GLY A 119 10.29 -26.26 13.95
N VAL A 120 10.21 -24.98 14.29
CA VAL A 120 10.26 -23.95 13.26
C VAL A 120 11.47 -23.04 13.31
N ILE A 121 12.05 -22.80 12.14
CA ILE A 121 13.17 -21.87 12.00
C ILE A 121 12.61 -20.77 11.12
N TRP A 122 12.59 -19.55 11.66
CA TRP A 122 12.03 -18.39 10.99
C TRP A 122 13.11 -17.36 10.65
N VAL A 123 13.50 -17.32 9.37
CA VAL A 123 14.50 -16.38 8.91
C VAL A 123 13.73 -15.15 8.44
N ASP A 124 14.03 -14.00 9.04
CA ASP A 124 13.27 -12.80 8.73
C ASP A 124 13.92 -11.58 9.38
N ALA A 125 13.70 -10.40 8.80
CA ALA A 125 14.22 -9.18 9.37
C ALA A 125 13.25 -8.79 10.47
N HIS A 126 12.06 -9.40 10.43
CA HIS A 126 11.00 -9.14 11.39
C HIS A 126 10.54 -10.41 12.12
N THR A 127 9.88 -10.24 13.26
CA THR A 127 9.39 -11.35 14.05
C THR A 127 7.99 -11.81 13.61
N ASP A 128 7.26 -10.93 12.95
CA ASP A 128 5.91 -11.24 12.46
C ASP A 128 5.05 -11.85 13.56
N ILE A 129 5.18 -11.33 14.76
CA ILE A 129 4.45 -11.88 15.89
C ILE A 129 3.51 -10.86 16.53
N ASN A 130 3.12 -9.84 15.78
CA ASN A 130 2.17 -8.85 16.31
C ASN A 130 0.81 -9.53 16.45
N THR A 131 0.02 -9.08 17.41
CA THR A 131 -1.32 -9.65 17.59
C THR A 131 -2.27 -8.65 16.92
N PRO A 132 -3.54 -9.02 16.77
CA PRO A 132 -4.47 -8.06 16.14
C PRO A 132 -4.62 -6.82 17.02
N LEU A 133 -4.17 -6.93 18.27
CA LEU A 133 -4.26 -5.83 19.23
C LEU A 133 -2.97 -5.04 19.38
N THR A 134 -1.83 -5.64 19.03
CA THR A 134 -0.58 -4.92 19.12
C THR A 134 -0.12 -4.34 17.79
N THR A 135 -0.63 -4.87 16.67
CA THR A 135 -0.24 -4.36 15.36
C THR A 135 -0.62 -2.89 15.21
N THR A 136 0.24 -2.12 14.54
CA THR A 136 -0.05 -0.71 14.30
C THR A 136 -0.41 -0.51 12.81
N SER A 137 0.10 -1.41 11.97
CA SER A 137 -0.14 -1.33 10.53
C SER A 137 -1.42 -2.05 10.10
N GLY A 138 -1.78 -3.11 10.82
CA GLY A 138 -2.97 -3.86 10.46
C GLY A 138 -2.72 -4.90 9.39
N ASN A 139 -1.49 -4.94 8.87
CA ASN A 139 -1.14 -5.92 7.83
C ASN A 139 -0.89 -7.26 8.48
N LEU A 140 -1.66 -8.26 8.04
CA LEU A 140 -1.55 -9.60 8.61
C LEU A 140 -0.23 -10.35 8.35
N HIS A 141 0.56 -9.89 7.38
CA HIS A 141 1.83 -10.57 7.12
C HIS A 141 2.81 -10.30 8.27
N GLY A 142 2.42 -9.44 9.19
CA GLY A 142 3.26 -9.11 10.34
C GLY A 142 2.68 -9.68 11.62
N GLN A 143 1.73 -10.59 11.48
CA GLN A 143 1.06 -11.24 12.61
C GLN A 143 0.97 -12.77 12.59
N PRO A 144 1.41 -13.43 11.49
CA PRO A 144 1.30 -14.89 11.47
C PRO A 144 1.69 -15.68 12.72
N VAL A 145 2.85 -15.37 13.30
CA VAL A 145 3.31 -16.09 14.47
C VAL A 145 2.38 -16.01 15.69
N SER A 146 1.70 -14.87 15.85
CA SER A 146 0.80 -14.69 16.99
C SER A 146 -0.37 -15.68 16.97
N PHE A 147 -0.80 -16.06 15.76
CA PHE A 147 -1.92 -16.99 15.60
C PHE A 147 -1.51 -18.44 15.83
N LEU A 148 -0.23 -18.73 15.66
CA LEU A 148 0.29 -20.10 15.80
C LEU A 148 0.76 -20.50 17.19
N LEU A 149 1.03 -19.51 18.05
CA LEU A 149 1.53 -19.80 19.39
C LEU A 149 0.45 -20.08 20.43
N LYS A 150 0.56 -21.27 21.02
CA LYS A 150 -0.37 -21.70 22.05
C LYS A 150 -0.40 -20.73 23.23
N GLU A 151 0.75 -20.17 23.60
CA GLU A 151 0.84 -19.24 24.73
C GLU A 151 0.11 -17.92 24.52
N LEU A 152 -0.13 -17.57 23.26
CA LEU A 152 -0.81 -16.32 22.96
C LEU A 152 -2.30 -16.58 22.74
N LYS A 153 -2.71 -17.79 23.09
CA LYS A 153 -4.10 -18.21 22.97
C LYS A 153 -4.86 -17.54 24.12
N GLY A 154 -5.54 -16.46 23.78
CA GLY A 154 -6.29 -15.70 24.77
C GLY A 154 -6.14 -14.22 24.47
N LYS A 155 -5.03 -13.86 23.81
CA LYS A 155 -4.76 -12.49 23.44
C LYS A 155 -5.06 -12.26 21.96
N ILE A 156 -5.63 -13.28 21.32
CA ILE A 156 -6.00 -13.21 19.91
C ILE A 156 -7.53 -13.18 19.79
N PRO A 157 -8.11 -12.01 19.46
CA PRO A 157 -9.57 -11.89 19.33
C PRO A 157 -10.12 -12.71 18.18
N ASP A 158 -11.44 -12.93 18.17
CA ASP A 158 -12.06 -13.70 17.11
C ASP A 158 -12.10 -12.85 15.84
N VAL A 159 -11.07 -13.01 15.01
CA VAL A 159 -10.96 -12.28 13.76
C VAL A 159 -11.63 -13.07 12.63
N PRO A 160 -12.53 -12.41 11.88
CA PRO A 160 -13.21 -13.07 10.77
C PRO A 160 -12.25 -13.77 9.81
N GLY A 161 -12.51 -15.05 9.55
CA GLY A 161 -11.67 -15.82 8.65
C GLY A 161 -10.69 -16.77 9.32
N PHE A 162 -10.52 -16.64 10.63
CA PHE A 162 -9.57 -17.51 11.32
C PHE A 162 -10.14 -18.45 12.39
N SER A 163 -11.46 -18.66 12.38
CA SER A 163 -12.06 -19.54 13.38
C SER A 163 -11.58 -20.99 13.24
N TRP A 164 -10.96 -21.30 12.12
CA TRP A 164 -10.47 -22.65 11.85
C TRP A 164 -9.10 -22.87 12.50
N VAL A 165 -8.47 -21.79 12.90
CA VAL A 165 -7.13 -21.85 13.50
C VAL A 165 -7.07 -22.45 14.89
N THR A 166 -6.02 -23.21 15.11
CA THR A 166 -5.75 -23.84 16.39
C THR A 166 -4.24 -23.73 16.59
N PRO A 167 -3.80 -22.93 17.58
CA PRO A 167 -2.36 -22.78 17.83
C PRO A 167 -1.73 -24.16 17.85
N CYS A 168 -0.68 -24.34 17.07
CA CYS A 168 -0.04 -25.65 16.98
C CYS A 168 1.40 -25.73 17.49
N ILE A 169 1.99 -24.61 17.87
CA ILE A 169 3.35 -24.65 18.36
C ILE A 169 3.56 -23.80 19.61
N SER A 170 4.52 -24.22 20.43
CA SER A 170 4.85 -23.51 21.65
C SER A 170 5.97 -22.52 21.34
N ALA A 171 6.06 -21.48 22.17
CA ALA A 171 7.09 -20.45 22.02
C ALA A 171 8.49 -21.07 22.02
N LYS A 172 8.62 -22.27 22.56
CA LYS A 172 9.92 -22.94 22.63
C LYS A 172 10.27 -23.84 21.42
N ASP A 173 9.36 -23.96 20.47
CA ASP A 173 9.60 -24.77 19.29
C ASP A 173 9.91 -23.92 18.08
N ILE A 174 10.28 -22.67 18.32
CA ILE A 174 10.59 -21.74 17.25
C ILE A 174 11.88 -20.97 17.53
N VAL A 175 12.65 -20.73 16.48
CA VAL A 175 13.90 -19.96 16.57
C VAL A 175 13.90 -18.93 15.44
N TYR A 176 14.18 -17.68 15.78
CA TYR A 176 14.26 -16.60 14.81
C TYR A 176 15.72 -16.34 14.44
N ILE A 177 15.97 -16.01 13.19
CA ILE A 177 17.32 -15.67 12.75
C ILE A 177 17.24 -14.50 11.77
N GLY A 178 17.99 -13.43 12.06
CA GLY A 178 18.02 -12.28 11.17
C GLY A 178 17.31 -11.01 11.57
N LEU A 179 16.66 -11.03 12.74
CA LEU A 179 15.88 -9.89 13.22
C LEU A 179 16.64 -8.56 13.31
N ARG A 180 16.02 -7.50 12.80
CA ARG A 180 16.60 -6.16 12.85
C ARG A 180 15.58 -5.02 12.85
N ASP A 181 14.29 -5.36 12.85
CA ASP A 181 13.22 -4.35 12.88
C ASP A 181 12.01 -4.97 13.60
N VAL A 182 12.10 -4.96 14.94
CA VAL A 182 11.07 -5.54 15.81
C VAL A 182 10.30 -4.45 16.53
N ASP A 183 8.97 -4.54 16.48
CA ASP A 183 8.12 -3.55 17.15
C ASP A 183 8.20 -3.74 18.66
N PRO A 184 7.85 -2.69 19.44
CA PRO A 184 7.88 -2.74 20.91
C PRO A 184 7.06 -3.88 21.54
N GLY A 185 5.80 -4.01 21.12
CA GLY A 185 4.95 -5.07 21.66
C GLY A 185 5.51 -6.44 21.30
N GLU A 186 6.05 -6.55 20.09
CA GLU A 186 6.64 -7.80 19.64
C GLU A 186 7.83 -8.17 20.53
N HIS A 187 8.68 -7.19 20.82
CA HIS A 187 9.84 -7.44 21.67
C HIS A 187 9.39 -7.89 23.05
N TYR A 188 8.31 -7.29 23.55
CA TYR A 188 7.74 -7.64 24.84
C TYR A 188 7.31 -9.11 24.83
N ILE A 189 6.62 -9.52 23.76
CA ILE A 189 6.18 -10.92 23.61
C ILE A 189 7.41 -11.82 23.55
N LEU A 190 8.46 -11.34 22.88
CA LEU A 190 9.70 -12.10 22.74
C LEU A 190 10.27 -12.47 24.09
N LYS A 191 10.51 -11.45 24.92
CA LYS A 191 11.08 -11.64 26.24
C LYS A 191 10.14 -12.30 27.23
N THR A 192 8.85 -12.04 27.12
CA THR A 192 7.87 -12.62 28.03
C THR A 192 7.65 -14.13 27.83
N LEU A 193 7.67 -14.59 26.58
CA LEU A 193 7.46 -16.00 26.31
C LEU A 193 8.75 -16.80 26.24
N GLY A 194 9.89 -16.12 26.39
CA GLY A 194 11.19 -16.78 26.35
C GLY A 194 11.57 -17.36 25.01
N ILE A 195 11.14 -16.69 23.94
CA ILE A 195 11.43 -17.15 22.58
C ILE A 195 12.90 -17.03 22.19
N LYS A 196 13.45 -18.10 21.65
CA LYS A 196 14.85 -18.10 21.23
C LYS A 196 14.99 -17.35 19.92
N TYR A 197 15.94 -16.43 19.86
CA TYR A 197 16.16 -15.63 18.66
C TYR A 197 17.63 -15.23 18.53
N PHE A 198 18.03 -15.01 17.28
CA PHE A 198 19.37 -14.56 16.97
C PHE A 198 19.13 -13.38 16.05
N SER A 199 19.14 -12.18 16.62
CA SER A 199 18.94 -10.98 15.83
C SER A 199 20.24 -10.75 15.09
N MET A 200 20.32 -9.72 14.27
CA MET A 200 21.56 -9.45 13.56
C MET A 200 22.70 -9.24 14.55
N THR A 201 22.36 -8.76 15.75
CA THR A 201 23.37 -8.53 16.78
C THR A 201 24.05 -9.84 17.22
N GLU A 202 23.25 -10.90 17.42
CA GLU A 202 23.82 -12.20 17.81
C GLU A 202 24.61 -12.83 16.66
N VAL A 203 24.15 -12.58 15.43
CA VAL A 203 24.85 -13.10 14.26
C VAL A 203 26.22 -12.43 14.21
N ASP A 204 26.24 -11.13 14.44
CA ASP A 204 27.51 -10.38 14.42
C ASP A 204 28.44 -10.86 15.53
N ARG A 205 27.88 -11.05 16.72
CA ARG A 205 28.64 -11.51 17.88
C ARG A 205 29.21 -12.91 17.73
N LEU A 206 28.34 -13.87 17.42
CA LEU A 206 28.74 -15.28 17.33
C LEU A 206 29.22 -15.81 15.98
N GLY A 207 28.74 -15.22 14.90
CA GLY A 207 29.09 -15.71 13.57
C GLY A 207 27.97 -16.67 13.20
N ILE A 208 27.62 -16.75 11.92
CA ILE A 208 26.54 -17.62 11.48
C ILE A 208 26.76 -19.12 11.76
N GLY A 209 28.02 -19.54 11.85
CA GLY A 209 28.31 -20.94 12.11
C GLY A 209 27.81 -21.33 13.50
N LYS A 210 28.20 -20.56 14.50
CA LYS A 210 27.78 -20.83 15.87
C LYS A 210 26.26 -20.63 15.99
N VAL A 211 25.74 -19.62 15.30
CA VAL A 211 24.31 -19.34 15.32
C VAL A 211 23.55 -20.60 14.88
N MET A 212 23.98 -21.21 13.78
CA MET A 212 23.31 -22.40 13.27
C MET A 212 23.53 -23.58 14.20
N GLU A 213 24.71 -23.67 14.81
CA GLU A 213 24.98 -24.76 15.72
C GLU A 213 23.99 -24.72 16.89
N GLU A 214 23.86 -23.55 17.50
CA GLU A 214 22.95 -23.36 18.62
C GLU A 214 21.48 -23.53 18.21
N THR A 215 21.11 -23.01 17.05
CA THR A 215 19.74 -23.14 16.58
C THR A 215 19.31 -24.61 16.48
N LEU A 216 20.10 -25.40 15.77
CA LEU A 216 19.78 -26.81 15.57
C LEU A 216 19.84 -27.60 16.89
N SER A 217 20.82 -27.28 17.73
CA SER A 217 20.97 -27.93 19.02
C SER A 217 19.77 -27.60 19.90
N TYR A 218 19.34 -26.34 19.84
CA TYR A 218 18.19 -25.85 20.61
C TYR A 218 16.90 -26.54 20.20
N LEU A 219 16.70 -26.72 18.90
CA LEU A 219 15.49 -27.36 18.39
C LEU A 219 15.51 -28.88 18.33
N LEU A 220 16.69 -29.47 18.13
CA LEU A 220 16.80 -30.92 18.02
C LEU A 220 17.47 -31.60 19.22
N GLY A 221 17.81 -30.82 20.23
CA GLY A 221 18.46 -31.35 21.41
C GLY A 221 17.80 -32.55 22.06
N ARG A 222 16.61 -32.35 22.63
CA ARG A 222 15.88 -33.41 23.30
C ARG A 222 15.64 -34.61 22.38
N LYS A 223 15.29 -34.33 21.14
CA LYS A 223 15.05 -35.38 20.16
C LYS A 223 14.88 -34.83 18.75
N LYS A 224 15.19 -35.66 17.77
CA LYS A 224 15.04 -35.26 16.37
C LYS A 224 13.56 -35.11 16.05
N ARG A 225 13.22 -34.03 15.35
CA ARG A 225 11.84 -33.75 14.97
C ARG A 225 11.81 -33.03 13.63
N PRO A 226 10.70 -33.17 12.88
CA PRO A 226 10.61 -32.52 11.57
C PRO A 226 10.90 -31.02 11.68
N ILE A 227 11.49 -30.43 10.64
CA ILE A 227 11.81 -29.02 10.64
C ILE A 227 11.03 -28.21 9.61
N HIS A 228 10.45 -27.09 10.05
CA HIS A 228 9.73 -26.19 9.16
C HIS A 228 10.55 -24.89 9.06
N LEU A 229 10.98 -24.57 7.85
CA LEU A 229 11.75 -23.36 7.60
C LEU A 229 10.88 -22.36 6.87
N SER A 230 10.58 -21.25 7.52
CA SER A 230 9.78 -20.20 6.91
C SER A 230 10.79 -19.12 6.58
N PHE A 231 11.15 -19.02 5.31
CA PHE A 231 12.16 -18.06 4.86
C PHE A 231 11.57 -16.82 4.20
N ASP A 232 11.67 -15.70 4.90
CA ASP A 232 11.19 -14.42 4.39
C ASP A 232 12.43 -13.87 3.70
N VAL A 233 12.37 -13.63 2.40
CA VAL A 233 13.53 -13.14 1.69
C VAL A 233 14.04 -11.77 2.15
N ASP A 234 13.24 -11.02 2.92
CA ASP A 234 13.72 -9.73 3.40
C ASP A 234 14.60 -9.92 4.63
N GLY A 235 14.88 -11.19 4.95
CA GLY A 235 15.75 -11.50 6.07
C GLY A 235 17.17 -11.25 5.59
N LEU A 236 17.39 -11.46 4.30
CA LEU A 236 18.70 -11.23 3.68
C LEU A 236 18.77 -9.73 3.38
N ASP A 237 19.98 -9.20 3.28
CA ASP A 237 20.17 -7.78 2.99
C ASP A 237 19.55 -7.39 1.66
N PRO A 238 19.00 -6.17 1.57
CA PRO A 238 18.38 -5.72 0.31
C PRO A 238 19.35 -5.59 -0.89
N SER A 239 20.64 -5.80 -0.65
CA SER A 239 21.62 -5.74 -1.74
C SER A 239 21.56 -7.07 -2.47
N PHE A 240 20.89 -8.05 -1.85
CA PHE A 240 20.72 -9.38 -2.43
C PHE A 240 19.28 -9.64 -2.84
N THR A 241 18.33 -9.20 -2.02
CA THR A 241 16.91 -9.38 -2.31
C THR A 241 16.16 -8.05 -2.18
N PRO A 242 16.40 -7.12 -3.14
CA PRO A 242 15.75 -5.82 -3.11
C PRO A 242 14.27 -5.81 -3.44
N ALA A 243 13.85 -6.72 -4.33
CA ALA A 243 12.46 -6.80 -4.75
C ALA A 243 11.59 -7.47 -3.68
N THR A 244 11.35 -6.73 -2.61
CA THR A 244 10.54 -7.21 -1.50
C THR A 244 9.90 -5.99 -0.84
N GLY A 245 8.71 -6.18 -0.27
CA GLY A 245 7.96 -5.08 0.33
C GLY A 245 8.50 -4.27 1.51
N THR A 246 9.10 -4.95 2.48
CA THR A 246 9.61 -4.28 3.68
C THR A 246 11.10 -4.53 3.91
N PRO A 247 11.96 -3.98 3.03
CA PRO A 247 13.41 -4.17 3.16
C PRO A 247 14.00 -3.40 4.34
N VAL A 248 15.03 -3.99 4.96
CA VAL A 248 15.72 -3.37 6.08
C VAL A 248 17.22 -3.59 5.89
N VAL A 249 18.00 -2.50 5.90
CA VAL A 249 19.45 -2.59 5.69
C VAL A 249 20.13 -3.37 6.79
N GLY A 250 21.33 -3.87 6.51
CA GLY A 250 22.09 -4.63 7.50
C GLY A 250 21.62 -6.05 7.69
N GLY A 251 21.21 -6.68 6.61
CA GLY A 251 20.71 -8.04 6.71
C GLY A 251 21.75 -9.13 6.56
N LEU A 252 21.26 -10.37 6.57
CA LEU A 252 22.10 -11.54 6.40
C LEU A 252 22.69 -11.49 4.99
N THR A 253 23.88 -12.01 4.82
CA THR A 253 24.50 -12.01 3.51
C THR A 253 24.01 -13.19 2.68
N TYR A 254 24.33 -13.15 1.39
CA TYR A 254 23.99 -14.20 0.44
C TYR A 254 24.64 -15.47 1.00
N ARG A 255 25.90 -15.34 1.42
CA ARG A 255 26.66 -16.46 1.99
C ARG A 255 25.99 -17.01 3.23
N GLU A 256 25.61 -16.13 4.15
CA GLU A 256 24.93 -16.57 5.36
C GLU A 256 23.60 -17.24 5.02
N GLY A 257 22.90 -16.68 4.03
CA GLY A 257 21.64 -17.27 3.61
C GLY A 257 21.86 -18.70 3.17
N LEU A 258 22.90 -18.94 2.39
CA LEU A 258 23.21 -20.29 1.92
C LEU A 258 23.75 -21.16 3.05
N TYR A 259 24.46 -20.56 3.99
CA TYR A 259 25.01 -21.34 5.09
C TYR A 259 23.87 -21.93 5.91
N ILE A 260 22.92 -21.06 6.25
CA ILE A 260 21.74 -21.46 7.02
C ILE A 260 21.07 -22.69 6.38
N THR A 261 20.70 -22.53 5.11
CA THR A 261 20.02 -23.57 4.37
C THR A 261 20.84 -24.84 4.15
N GLU A 262 22.14 -24.69 3.91
CA GLU A 262 23.00 -25.85 3.70
C GLU A 262 23.04 -26.68 4.97
N GLU A 263 23.04 -26.00 6.11
CA GLU A 263 23.09 -26.69 7.39
C GLU A 263 21.77 -27.39 7.68
N ILE A 264 20.67 -26.73 7.34
CA ILE A 264 19.36 -27.32 7.58
C ILE A 264 19.24 -28.57 6.71
N TYR A 265 19.67 -28.46 5.45
CA TYR A 265 19.61 -29.60 4.56
C TYR A 265 20.33 -30.79 5.15
N LYS A 266 21.55 -30.57 5.63
CA LYS A 266 22.35 -31.64 6.20
C LYS A 266 21.75 -32.35 7.41
N THR A 267 20.72 -31.76 8.04
CA THR A 267 20.10 -32.42 9.19
C THR A 267 19.26 -33.59 8.70
N GLY A 268 18.81 -33.50 7.45
CA GLY A 268 17.98 -34.53 6.88
C GLY A 268 16.59 -34.48 7.48
N LEU A 269 16.33 -33.42 8.24
CA LEU A 269 15.04 -33.24 8.90
C LEU A 269 14.13 -32.15 8.30
N LEU A 270 14.53 -31.54 7.19
CA LEU A 270 13.65 -30.54 6.58
C LEU A 270 12.37 -31.22 6.11
N SER A 271 11.21 -30.70 6.50
CA SER A 271 9.93 -31.28 6.09
C SER A 271 8.95 -30.24 5.56
N GLY A 272 9.24 -28.97 5.84
CA GLY A 272 8.38 -27.89 5.37
C GLY A 272 9.23 -26.66 5.08
N LEU A 273 8.94 -25.99 3.97
CA LEU A 273 9.70 -24.81 3.58
C LEU A 273 8.81 -23.74 2.96
N ASP A 274 9.04 -22.49 3.35
CA ASP A 274 8.31 -21.34 2.81
C ASP A 274 9.34 -20.37 2.26
N ILE A 275 9.16 -19.93 1.03
CA ILE A 275 10.06 -18.93 0.43
C ILE A 275 9.06 -17.82 0.12
N MET A 276 9.08 -16.80 0.97
CA MET A 276 8.12 -15.70 0.92
C MET A 276 8.62 -14.29 0.68
N GLU A 277 7.64 -13.43 0.41
CA GLU A 277 7.81 -11.99 0.20
C GLU A 277 8.57 -11.50 -1.03
N VAL A 278 8.73 -12.34 -2.05
CA VAL A 278 9.41 -11.89 -3.25
C VAL A 278 8.37 -11.12 -4.08
N ASN A 279 8.59 -9.81 -4.25
CA ASN A 279 7.67 -8.98 -5.03
C ASN A 279 8.40 -8.36 -6.22
N PRO A 280 8.29 -9.00 -7.40
CA PRO A 280 8.94 -8.52 -8.62
C PRO A 280 8.60 -7.07 -8.97
N SER A 281 7.36 -6.67 -8.72
CA SER A 281 6.89 -5.32 -9.02
C SER A 281 7.66 -4.26 -8.28
N LEU A 282 8.29 -4.63 -7.17
CA LEU A 282 9.02 -3.66 -6.36
C LEU A 282 10.51 -3.51 -6.73
N GLY A 283 10.96 -4.24 -7.74
CA GLY A 283 12.34 -4.11 -8.16
C GLY A 283 12.49 -2.77 -8.85
N LYS A 284 13.50 -1.99 -8.47
CA LYS A 284 13.72 -0.68 -9.08
C LYS A 284 14.19 -0.83 -10.52
N THR A 285 14.74 -1.98 -10.85
CA THR A 285 15.23 -2.28 -12.20
C THR A 285 14.96 -3.74 -12.54
N PRO A 286 15.20 -4.15 -13.80
CA PRO A 286 14.96 -5.53 -14.20
C PRO A 286 16.01 -6.42 -13.53
N GLU A 287 17.16 -5.83 -13.26
CA GLU A 287 18.27 -6.54 -12.63
C GLU A 287 18.02 -6.79 -11.15
N GLU A 288 17.34 -5.86 -10.49
CA GLU A 288 17.03 -6.03 -9.08
C GLU A 288 16.06 -7.18 -8.91
N VAL A 289 15.21 -7.38 -9.91
CA VAL A 289 14.23 -8.47 -9.88
C VAL A 289 14.94 -9.81 -10.07
N THR A 290 15.76 -9.89 -11.12
CA THR A 290 16.49 -11.13 -11.39
C THR A 290 17.43 -11.47 -10.23
N ARG A 291 18.00 -10.45 -9.60
CA ARG A 291 18.90 -10.64 -8.49
C ARG A 291 18.15 -11.20 -7.28
N THR A 292 16.92 -10.73 -7.08
CA THR A 292 16.09 -11.19 -5.97
C THR A 292 15.61 -12.61 -6.22
N VAL A 293 15.14 -12.87 -7.43
CA VAL A 293 14.66 -14.20 -7.81
C VAL A 293 15.82 -15.21 -7.83
N ASN A 294 16.97 -14.82 -8.36
CA ASN A 294 18.11 -15.73 -8.42
C ASN A 294 18.56 -16.13 -7.00
N THR A 295 18.58 -15.15 -6.10
CA THR A 295 18.98 -15.42 -4.72
C THR A 295 17.95 -16.33 -4.07
N ALA A 296 16.67 -16.06 -4.32
CA ALA A 296 15.59 -16.86 -3.76
C ALA A 296 15.69 -18.31 -4.24
N VAL A 297 16.01 -18.50 -5.51
CA VAL A 297 16.15 -19.85 -6.06
C VAL A 297 17.36 -20.57 -5.42
N ALA A 298 18.47 -19.86 -5.29
CA ALA A 298 19.69 -20.40 -4.72
C ALA A 298 19.44 -20.92 -3.31
N ILE A 299 18.75 -20.12 -2.50
CA ILE A 299 18.45 -20.52 -1.13
C ILE A 299 17.59 -21.78 -1.16
N THR A 300 16.60 -21.81 -2.06
CA THR A 300 15.73 -22.96 -2.17
C THR A 300 16.51 -24.24 -2.53
N LEU A 301 17.38 -24.15 -3.52
CA LEU A 301 18.20 -25.30 -3.93
C LEU A 301 19.10 -25.81 -2.80
N ALA A 302 19.60 -24.90 -1.97
CA ALA A 302 20.45 -25.27 -0.85
C ALA A 302 19.67 -26.14 0.14
N CYS A 303 18.39 -25.82 0.32
CA CYS A 303 17.54 -26.57 1.24
C CYS A 303 17.38 -28.02 0.82
N PHE A 304 17.62 -28.28 -0.47
CA PHE A 304 17.46 -29.62 -0.99
C PHE A 304 18.72 -30.29 -1.52
N GLY A 305 19.88 -29.87 -1.02
CA GLY A 305 21.10 -30.53 -1.40
C GLY A 305 22.22 -29.79 -2.11
N LEU A 306 21.91 -28.78 -2.91
CA LEU A 306 22.94 -28.05 -3.64
C LEU A 306 23.96 -27.50 -2.65
N ALA A 307 25.19 -28.01 -2.72
CA ALA A 307 26.26 -27.58 -1.80
C ALA A 307 27.36 -26.80 -2.51
N ARG A 308 27.85 -25.75 -1.85
CA ARG A 308 28.91 -24.93 -2.45
C ARG A 308 30.24 -25.66 -2.67
N GLU A 309 30.50 -26.70 -1.87
CA GLU A 309 31.75 -27.47 -2.01
C GLU A 309 31.65 -28.41 -3.23
N GLY A 310 30.43 -28.60 -3.72
CA GLY A 310 30.22 -29.47 -4.85
C GLY A 310 29.33 -30.64 -4.49
N ASN A 311 28.84 -31.33 -5.52
CA ASN A 311 27.96 -32.49 -5.36
C ASN A 311 28.35 -33.52 -6.42
N HIS A 312 28.18 -34.81 -6.12
CA HIS A 312 28.46 -35.85 -7.11
C HIS A 312 27.66 -37.11 -6.81
N LYS A 313 27.29 -37.84 -7.86
CA LYS A 313 26.50 -39.05 -7.72
C LYS A 313 27.37 -40.19 -7.20
N PRO A 314 26.75 -41.23 -6.61
CA PRO A 314 27.54 -42.36 -6.09
C PRO A 314 28.08 -43.30 -7.18
N ILE A 315 28.96 -42.77 -8.03
CA ILE A 315 29.58 -43.53 -9.12
C ILE A 315 31.08 -43.18 -9.17
N ASP A 316 31.84 -43.95 -9.93
CA ASP A 316 33.27 -43.70 -10.06
C ASP A 316 33.53 -42.82 -11.27
N TYR A 317 33.70 -41.52 -11.03
CA TYR A 317 33.92 -40.53 -12.07
C TYR A 317 35.24 -40.64 -12.83
N LEU A 318 36.22 -41.31 -12.24
CA LEU A 318 37.52 -41.47 -12.88
C LEU A 318 37.59 -42.70 -13.78
N ARG B 6 -12.44 29.09 13.07
CA ARG B 6 -12.42 28.39 11.74
C ARG B 6 -12.12 29.37 10.62
N THR B 7 -10.86 29.77 10.49
CA THR B 7 -10.44 30.73 9.47
C THR B 7 -10.22 30.08 8.11
N ILE B 8 -10.60 30.78 7.04
CA ILE B 8 -10.46 30.26 5.69
C ILE B 8 -9.68 31.22 4.78
N GLY B 9 -8.65 30.68 4.13
CA GLY B 9 -7.85 31.48 3.22
C GLY B 9 -8.06 31.08 1.78
N ILE B 10 -8.83 31.87 1.06
CA ILE B 10 -9.14 31.59 -0.33
C ILE B 10 -8.00 31.95 -1.31
N ILE B 11 -7.73 31.05 -2.25
CA ILE B 11 -6.71 31.25 -3.26
C ILE B 11 -7.35 31.01 -4.63
N GLY B 12 -7.21 31.98 -5.52
CA GLY B 12 -7.77 31.85 -6.86
C GLY B 12 -6.68 31.34 -7.77
N ALA B 13 -6.97 30.32 -8.56
CA ALA B 13 -5.96 29.75 -9.46
C ALA B 13 -6.50 29.55 -10.87
N PRO B 14 -6.72 30.65 -11.60
CA PRO B 14 -7.25 30.59 -12.97
C PRO B 14 -6.21 30.04 -13.96
N PHE B 15 -6.03 28.73 -13.95
CA PHE B 15 -5.04 28.05 -14.81
C PHE B 15 -5.66 26.90 -15.61
N SER B 16 -5.26 26.75 -16.87
CA SER B 16 -5.81 25.69 -17.74
C SER B 16 -4.78 24.92 -18.57
N LYS B 17 -3.52 25.35 -18.57
CA LYS B 17 -2.49 24.68 -19.38
C LYS B 17 -2.36 23.19 -19.09
N GLY B 18 -2.86 22.74 -17.93
CA GLY B 18 -2.77 21.33 -17.59
C GLY B 18 -3.61 20.43 -18.50
N GLN B 19 -4.39 21.05 -19.38
CA GLN B 19 -5.24 20.30 -20.30
C GLN B 19 -5.65 21.16 -21.49
N PRO B 20 -6.22 20.54 -22.55
CA PRO B 20 -6.67 21.22 -23.77
C PRO B 20 -7.72 22.34 -23.70
N ARG B 21 -8.84 22.08 -23.03
CA ARG B 21 -9.93 23.07 -22.93
C ARG B 21 -9.68 24.28 -22.02
N GLY B 22 -9.80 25.47 -22.61
CA GLY B 22 -9.55 26.71 -21.88
C GLY B 22 -10.57 27.29 -20.91
N GLY B 23 -11.84 26.93 -21.03
CA GLY B 23 -12.82 27.49 -20.11
C GLY B 23 -12.57 27.31 -18.62
N VAL B 24 -11.87 26.24 -18.25
CA VAL B 24 -11.59 25.95 -16.85
C VAL B 24 -10.92 27.11 -16.11
N GLU B 25 -10.39 28.06 -16.86
CA GLU B 25 -9.73 29.23 -16.28
C GLU B 25 -10.74 30.12 -15.54
N GLU B 26 -11.99 30.09 -16.00
CA GLU B 26 -13.04 30.90 -15.39
C GLU B 26 -13.69 30.25 -14.19
N GLY B 27 -13.06 29.20 -13.67
CA GLY B 27 -13.59 28.51 -12.50
C GLY B 27 -13.64 29.37 -11.26
N PRO B 28 -12.55 30.11 -10.94
CA PRO B 28 -12.54 30.96 -9.74
C PRO B 28 -13.56 32.10 -9.83
N THR B 29 -13.73 32.62 -11.04
CA THR B 29 -14.64 33.73 -11.31
C THR B 29 -16.10 33.39 -11.08
N VAL B 30 -16.57 32.32 -11.70
CA VAL B 30 -17.96 31.91 -11.57
C VAL B 30 -18.29 31.44 -10.16
N LEU B 31 -17.30 30.87 -9.47
CA LEU B 31 -17.52 30.42 -8.11
C LEU B 31 -17.77 31.61 -7.19
N ARG B 32 -16.93 32.63 -7.29
CA ARG B 32 -17.08 33.83 -6.47
C ARG B 32 -18.38 34.55 -6.86
N LYS B 33 -18.63 34.64 -8.16
CA LYS B 33 -19.83 35.27 -8.68
C LYS B 33 -21.09 34.57 -8.16
N ALA B 34 -20.92 33.36 -7.64
CA ALA B 34 -22.05 32.57 -7.11
C ALA B 34 -22.30 32.87 -5.65
N GLY B 35 -21.38 33.62 -5.03
CA GLY B 35 -21.55 33.97 -3.63
C GLY B 35 -20.76 33.14 -2.64
N LEU B 36 -19.75 32.42 -3.14
CA LEU B 36 -18.94 31.57 -2.27
C LEU B 36 -18.39 32.33 -1.07
N LEU B 37 -17.93 33.56 -1.29
CA LEU B 37 -17.38 34.37 -0.21
C LEU B 37 -18.44 34.70 0.83
N GLU B 38 -19.53 35.31 0.37
CA GLU B 38 -20.63 35.68 1.26
C GLU B 38 -21.17 34.46 2.02
N LYS B 39 -21.51 33.42 1.26
CA LYS B 39 -22.08 32.19 1.81
C LYS B 39 -21.20 31.52 2.86
N LEU B 40 -19.89 31.70 2.76
CA LEU B 40 -18.96 31.14 3.72
C LEU B 40 -19.00 31.94 5.01
N LYS B 41 -19.00 33.27 4.88
CA LYS B 41 -19.05 34.13 6.05
C LYS B 41 -20.32 33.87 6.84
N GLU B 42 -21.37 33.47 6.14
CA GLU B 42 -22.65 33.20 6.79
C GLU B 42 -22.53 32.07 7.81
N GLN B 43 -21.67 31.09 7.51
CA GLN B 43 -21.46 29.96 8.40
C GLN B 43 -20.45 30.30 9.49
N GLU B 44 -19.86 29.26 10.08
CA GLU B 44 -18.85 29.45 11.12
C GLU B 44 -17.55 29.69 10.34
N CYS B 45 -17.42 30.87 9.75
CA CYS B 45 -16.25 31.17 8.96
C CYS B 45 -15.71 32.59 9.04
N ASP B 46 -14.38 32.69 8.95
CA ASP B 46 -13.63 33.94 8.95
C ASP B 46 -12.79 33.86 7.68
N VAL B 47 -13.38 34.29 6.57
CA VAL B 47 -12.73 34.24 5.27
C VAL B 47 -11.87 35.45 4.92
N LYS B 48 -10.78 35.17 4.19
CA LYS B 48 -9.85 36.20 3.72
C LYS B 48 -9.42 35.80 2.32
N ASP B 49 -10.00 36.45 1.33
CA ASP B 49 -9.69 36.16 -0.07
C ASP B 49 -8.32 36.70 -0.47
N TYR B 50 -7.36 35.79 -0.62
CA TYR B 50 -6.02 36.18 -1.02
C TYR B 50 -5.94 36.53 -2.50
N GLY B 51 -7.09 36.74 -3.14
CA GLY B 51 -7.12 37.08 -4.55
C GLY B 51 -6.78 35.93 -5.47
N ASP B 52 -6.82 36.18 -6.77
CA ASP B 52 -6.49 35.15 -7.74
C ASP B 52 -5.07 35.33 -8.20
N LEU B 53 -4.30 34.25 -8.22
CA LEU B 53 -2.90 34.29 -8.63
C LEU B 53 -2.74 34.68 -10.10
N PRO B 54 -1.71 35.47 -10.40
CA PRO B 54 -1.42 35.93 -11.77
C PRO B 54 -0.38 35.01 -12.40
N PHE B 55 -0.80 34.22 -13.38
CA PHE B 55 0.11 33.30 -14.06
C PHE B 55 0.51 33.90 -15.40
N ALA B 56 1.74 34.38 -15.50
CA ALA B 56 2.27 35.00 -16.72
C ALA B 56 2.44 33.99 -17.85
N ASP B 57 2.07 34.40 -19.05
CA ASP B 57 2.20 33.54 -20.21
C ASP B 57 3.67 33.27 -20.47
N ILE B 58 4.03 31.99 -20.56
CA ILE B 58 5.40 31.60 -20.82
C ILE B 58 5.51 31.32 -22.31
N PRO B 59 5.99 32.32 -23.09
CA PRO B 59 6.15 32.24 -24.55
C PRO B 59 6.53 30.84 -25.03
N ASN B 60 7.82 30.56 -25.10
CA ASN B 60 8.30 29.25 -25.54
C ASN B 60 8.27 28.21 -24.42
N ASP B 61 7.24 27.37 -24.45
CA ASP B 61 7.06 26.32 -23.45
C ASP B 61 6.90 24.99 -24.16
N SER B 62 7.90 24.63 -24.96
CA SER B 62 7.87 23.40 -25.74
C SER B 62 7.67 22.15 -24.87
N PRO B 63 6.98 21.13 -25.42
CA PRO B 63 6.69 19.86 -24.77
C PRO B 63 7.88 18.99 -24.37
N PHE B 64 7.83 18.45 -23.16
CA PHE B 64 8.86 17.54 -22.67
C PHE B 64 8.30 16.19 -23.12
N GLN B 65 8.84 15.66 -24.22
CA GLN B 65 8.34 14.40 -24.75
C GLN B 65 6.89 14.61 -25.19
N ILE B 66 5.97 13.88 -24.56
CA ILE B 66 4.54 13.98 -24.88
C ILE B 66 3.79 15.03 -24.04
N VAL B 67 4.38 15.39 -22.90
CA VAL B 67 3.79 16.36 -21.98
C VAL B 67 3.82 17.78 -22.53
N LYS B 68 2.64 18.41 -22.63
CA LYS B 68 2.53 19.78 -23.15
C LYS B 68 2.56 20.83 -22.04
N ASN B 69 3.07 22.00 -22.40
CA ASN B 69 3.18 23.14 -21.48
C ASN B 69 3.76 22.75 -20.13
N PRO B 70 4.86 21.99 -20.13
CA PRO B 70 5.46 21.59 -18.86
C PRO B 70 5.90 22.76 -17.97
N ARG B 71 6.44 23.80 -18.59
CA ARG B 71 6.91 24.96 -17.84
C ARG B 71 5.78 25.81 -17.27
N SER B 72 4.68 25.93 -18.00
CA SER B 72 3.54 26.72 -17.54
C SER B 72 2.89 26.03 -16.35
N VAL B 73 2.74 24.71 -16.46
CA VAL B 73 2.13 23.93 -15.39
C VAL B 73 3.04 23.93 -14.16
N GLY B 74 4.31 23.60 -14.36
CA GLY B 74 5.26 23.57 -13.27
C GLY B 74 5.39 24.92 -12.59
N LYS B 75 5.28 25.99 -13.36
CA LYS B 75 5.39 27.34 -12.83
C LYS B 75 4.15 27.72 -12.03
N ALA B 76 2.98 27.38 -12.56
CA ALA B 76 1.72 27.68 -11.89
C ALA B 76 1.65 27.00 -10.53
N SER B 77 2.04 25.72 -10.47
CA SER B 77 2.00 24.98 -9.22
C SER B 77 2.99 25.51 -8.19
N GLU B 78 4.16 25.94 -8.67
CA GLU B 78 5.17 26.49 -7.78
C GLU B 78 4.66 27.77 -7.14
N GLN B 79 4.03 28.62 -7.95
CA GLN B 79 3.46 29.87 -7.45
C GLN B 79 2.41 29.52 -6.39
N LEU B 80 1.46 28.68 -6.78
CA LEU B 80 0.39 28.23 -5.91
C LEU B 80 0.90 27.64 -4.60
N ALA B 81 2.01 26.89 -4.67
CA ALA B 81 2.59 26.27 -3.47
C ALA B 81 3.06 27.34 -2.48
N GLY B 82 3.56 28.45 -3.02
CA GLY B 82 4.01 29.52 -2.15
C GLY B 82 2.84 30.09 -1.39
N LYS B 83 1.80 30.50 -2.13
CA LYS B 83 0.58 31.09 -1.56
C LYS B 83 -0.14 30.18 -0.55
N VAL B 84 -0.09 28.86 -0.76
CA VAL B 84 -0.73 27.91 0.14
C VAL B 84 0.07 27.81 1.44
N ALA B 85 1.39 27.79 1.34
CA ALA B 85 2.23 27.73 2.53
C ALA B 85 2.01 29.01 3.32
N GLU B 86 1.77 30.11 2.61
CA GLU B 86 1.53 31.42 3.21
C GLU B 86 0.25 31.42 4.04
N VAL B 87 -0.86 31.08 3.39
CA VAL B 87 -2.16 31.04 4.06
C VAL B 87 -2.15 30.05 5.23
N LYS B 88 -1.39 28.97 5.09
CA LYS B 88 -1.29 27.97 6.15
C LYS B 88 -0.62 28.56 7.39
N LYS B 89 0.33 29.47 7.17
CA LYS B 89 1.04 30.12 8.27
C LYS B 89 0.13 31.12 8.98
N ASN B 90 -0.83 31.66 8.24
CA ASN B 90 -1.78 32.60 8.81
C ASN B 90 -2.80 31.84 9.64
N GLY B 91 -2.53 30.54 9.87
CA GLY B 91 -3.42 29.70 10.64
C GLY B 91 -4.79 29.50 10.00
N ARG B 92 -4.82 29.51 8.67
CA ARG B 92 -6.07 29.35 7.93
C ARG B 92 -6.10 28.07 7.10
N ILE B 93 -7.32 27.67 6.75
CA ILE B 93 -7.53 26.50 5.91
C ILE B 93 -7.45 27.03 4.48
N SER B 94 -6.55 26.49 3.67
CA SER B 94 -6.41 26.95 2.30
C SER B 94 -7.49 26.34 1.40
N LEU B 95 -8.18 27.21 0.68
CA LEU B 95 -9.25 26.81 -0.22
C LEU B 95 -8.88 27.26 -1.62
N VAL B 96 -8.44 26.31 -2.44
CA VAL B 96 -8.03 26.62 -3.81
C VAL B 96 -9.14 26.40 -4.82
N LEU B 97 -9.53 27.49 -5.49
CA LEU B 97 -10.56 27.44 -6.52
C LEU B 97 -9.72 27.39 -7.79
N GLY B 98 -9.43 26.19 -8.26
CA GLY B 98 -8.58 26.09 -9.43
C GLY B 98 -9.25 25.94 -10.77
N GLY B 99 -8.39 25.59 -11.72
CA GLY B 99 -8.82 25.32 -13.06
C GLY B 99 -8.61 23.83 -13.11
N ASP B 100 -7.63 23.36 -13.88
CA ASP B 100 -7.36 21.94 -13.98
C ASP B 100 -6.61 21.40 -12.75
N HIS B 101 -6.78 20.10 -12.51
CA HIS B 101 -6.17 19.43 -11.35
C HIS B 101 -4.64 19.33 -11.30
N SER B 102 -3.94 19.85 -12.30
CA SER B 102 -2.48 19.78 -12.27
C SER B 102 -2.00 20.64 -11.09
N LEU B 103 -2.79 21.66 -10.78
CA LEU B 103 -2.49 22.58 -9.68
C LEU B 103 -2.38 21.87 -8.34
N ALA B 104 -2.81 20.61 -8.27
CA ALA B 104 -2.74 19.86 -7.02
C ALA B 104 -1.28 19.71 -6.58
N ILE B 105 -0.38 19.61 -7.55
CA ILE B 105 1.04 19.49 -7.24
C ILE B 105 1.39 20.67 -6.33
N GLY B 106 1.07 21.88 -6.77
CA GLY B 106 1.37 23.05 -5.97
C GLY B 106 0.58 23.15 -4.67
N SER B 107 -0.71 22.92 -4.76
CA SER B 107 -1.60 22.99 -3.59
C SER B 107 -1.09 22.08 -2.46
N ILE B 108 -0.99 20.79 -2.74
CA ILE B 108 -0.54 19.83 -1.75
C ILE B 108 0.89 20.09 -1.29
N SER B 109 1.78 20.45 -2.22
CA SER B 109 3.18 20.74 -1.88
C SER B 109 3.25 21.91 -0.90
N GLY B 110 2.63 23.02 -1.29
CA GLY B 110 2.64 24.20 -0.43
C GLY B 110 2.01 23.91 0.91
N HIS B 111 1.03 23.01 0.92
CA HIS B 111 0.34 22.61 2.15
C HIS B 111 1.26 21.76 3.01
N ALA B 112 1.93 20.79 2.39
CA ALA B 112 2.83 19.90 3.12
C ALA B 112 4.07 20.59 3.67
N ARG B 113 4.38 21.79 3.17
CA ARG B 113 5.55 22.52 3.66
C ARG B 113 5.32 22.97 5.10
N VAL B 114 4.06 23.25 5.43
CA VAL B 114 3.70 23.69 6.77
C VAL B 114 3.17 22.51 7.59
N HIS B 115 2.61 21.52 6.91
CA HIS B 115 2.05 20.34 7.57
C HIS B 115 2.50 19.10 6.80
N PRO B 116 3.75 18.66 7.01
CA PRO B 116 4.30 17.49 6.33
C PRO B 116 3.71 16.14 6.76
N ASP B 117 2.81 16.18 7.73
CA ASP B 117 2.17 14.95 8.24
C ASP B 117 0.74 14.76 7.68
N LEU B 118 0.37 15.59 6.72
CA LEU B 118 -0.96 15.57 6.12
C LEU B 118 -1.35 14.30 5.37
N GLY B 119 -2.64 13.99 5.42
CA GLY B 119 -3.19 12.84 4.73
C GLY B 119 -4.03 13.41 3.61
N VAL B 120 -4.15 12.70 2.50
CA VAL B 120 -4.90 13.21 1.36
C VAL B 120 -6.12 12.36 0.97
N ILE B 121 -7.24 13.04 0.72
CA ILE B 121 -8.46 12.38 0.25
C ILE B 121 -8.64 12.95 -1.15
N TRP B 122 -8.62 12.08 -2.14
CA TRP B 122 -8.74 12.48 -3.54
C TRP B 122 -10.06 12.01 -4.13
N VAL B 123 -11.01 12.93 -4.28
CA VAL B 123 -12.32 12.62 -4.83
C VAL B 123 -12.23 12.88 -6.33
N ASP B 124 -12.44 11.83 -7.12
CA ASP B 124 -12.26 11.98 -8.55
C ASP B 124 -12.70 10.73 -9.32
N ALA B 125 -13.07 10.92 -10.58
CA ALA B 125 -13.44 9.80 -11.44
C ALA B 125 -12.13 9.20 -11.96
N HIS B 126 -11.04 9.98 -11.86
CA HIS B 126 -9.72 9.58 -12.32
C HIS B 126 -8.67 9.59 -11.20
N THR B 127 -7.62 8.79 -11.36
CA THR B 127 -6.54 8.72 -10.39
C THR B 127 -5.53 9.85 -10.55
N ASP B 128 -5.42 10.36 -11.78
CA ASP B 128 -4.48 11.43 -12.07
C ASP B 128 -3.09 11.02 -11.59
N ILE B 129 -2.74 9.77 -11.83
CA ILE B 129 -1.47 9.22 -11.39
C ILE B 129 -0.52 8.83 -12.53
N ASN B 130 -0.85 9.23 -13.76
CA ASN B 130 0.03 8.93 -14.89
C ASN B 130 1.35 9.67 -14.66
N THR B 131 2.45 9.10 -15.17
CA THR B 131 3.75 9.74 -15.07
C THR B 131 4.03 10.31 -16.46
N PRO B 132 5.10 11.10 -16.60
CA PRO B 132 5.41 11.68 -17.91
C PRO B 132 5.67 10.59 -18.95
N LEU B 133 5.88 9.38 -18.46
CA LEU B 133 6.18 8.22 -19.31
C LEU B 133 5.04 7.23 -19.51
N THR B 134 4.01 7.30 -18.67
CA THR B 134 2.88 6.38 -18.81
C THR B 134 1.68 7.08 -19.40
N THR B 135 1.72 8.41 -19.45
CA THR B 135 0.62 9.17 -20.01
C THR B 135 0.45 8.93 -21.50
N THR B 136 -0.80 8.93 -21.95
CA THR B 136 -1.13 8.70 -23.35
C THR B 136 -1.47 10.00 -24.07
N SER B 137 -2.11 10.91 -23.35
CA SER B 137 -2.52 12.19 -23.89
C SER B 137 -1.48 13.29 -23.67
N GLY B 138 -0.68 13.13 -22.62
CA GLY B 138 0.35 14.12 -22.30
C GLY B 138 -0.19 15.31 -21.53
N ASN B 139 -1.43 15.22 -21.07
CA ASN B 139 -2.03 16.31 -20.32
C ASN B 139 -1.64 16.19 -18.85
N LEU B 140 -0.98 17.22 -18.33
CA LEU B 140 -0.52 17.20 -16.95
C LEU B 140 -1.60 17.15 -15.87
N HIS B 141 -2.84 17.53 -16.19
CA HIS B 141 -3.89 17.47 -15.18
C HIS B 141 -4.23 16.01 -14.88
N GLY B 142 -3.57 15.10 -15.59
CA GLY B 142 -3.78 13.68 -15.39
C GLY B 142 -2.54 13.00 -14.83
N GLN B 143 -1.64 13.81 -14.26
CA GLN B 143 -0.39 13.30 -13.69
C GLN B 143 0.00 13.91 -12.33
N PRO B 144 -0.82 14.84 -11.78
CA PRO B 144 -0.45 15.44 -10.50
C PRO B 144 0.04 14.53 -9.36
N VAL B 145 -0.67 13.44 -9.11
CA VAL B 145 -0.30 12.55 -8.02
C VAL B 145 1.08 11.88 -8.16
N SER B 146 1.48 11.53 -9.38
CA SER B 146 2.79 10.89 -9.59
C SER B 146 3.94 11.81 -9.15
N PHE B 147 3.79 13.11 -9.39
CA PHE B 147 4.82 14.09 -8.99
C PHE B 147 4.87 14.28 -7.48
N LEU B 148 3.82 13.84 -6.79
CA LEU B 148 3.74 14.01 -5.34
C LEU B 148 4.13 12.78 -4.53
N LEU B 149 4.00 11.59 -5.10
CA LEU B 149 4.32 10.36 -4.36
C LEU B 149 5.79 10.02 -4.23
N LYS B 150 6.25 9.89 -2.98
CA LYS B 150 7.64 9.55 -2.69
C LYS B 150 8.07 8.25 -3.37
N GLU B 151 7.20 7.26 -3.33
CA GLU B 151 7.48 5.95 -3.93
C GLU B 151 7.59 5.97 -5.45
N LEU B 152 7.23 7.08 -6.08
CA LEU B 152 7.30 7.18 -7.54
C LEU B 152 8.51 7.96 -8.02
N LYS B 153 9.21 8.60 -7.08
CA LYS B 153 10.40 9.37 -7.41
C LYS B 153 11.42 8.34 -7.88
N GLY B 154 11.84 8.48 -9.13
CA GLY B 154 12.78 7.54 -9.72
C GLY B 154 12.11 7.06 -10.99
N LYS B 155 10.80 7.28 -11.04
CA LYS B 155 9.99 6.91 -12.19
C LYS B 155 9.59 8.20 -12.89
N ILE B 156 9.78 9.31 -12.20
CA ILE B 156 9.46 10.63 -12.75
C ILE B 156 10.67 11.24 -13.43
N PRO B 157 10.59 11.43 -14.77
CA PRO B 157 11.69 12.02 -15.54
C PRO B 157 11.89 13.47 -15.16
N ASP B 158 13.06 14.01 -15.47
CA ASP B 158 13.31 15.42 -15.18
C ASP B 158 12.54 16.21 -16.21
N VAL B 159 11.40 16.77 -15.80
CA VAL B 159 10.56 17.55 -16.69
C VAL B 159 10.77 19.04 -16.47
N PRO B 160 10.96 19.79 -17.57
CA PRO B 160 11.17 21.24 -17.47
C PRO B 160 10.09 21.92 -16.64
N GLY B 161 10.50 22.65 -15.61
CA GLY B 161 9.54 23.36 -14.78
C GLY B 161 9.21 22.69 -13.46
N PHE B 162 9.70 21.47 -13.26
CA PHE B 162 9.39 20.74 -12.03
C PHE B 162 10.59 20.41 -11.15
N SER B 163 11.63 21.22 -11.26
CA SER B 163 12.83 20.98 -10.46
C SER B 163 12.53 21.23 -8.98
N TRP B 164 11.71 22.24 -8.73
CA TRP B 164 11.35 22.65 -7.36
C TRP B 164 10.59 21.60 -6.57
N VAL B 165 9.96 20.65 -7.28
CA VAL B 165 9.16 19.64 -6.64
C VAL B 165 9.91 18.59 -5.84
N THR B 166 9.37 18.28 -4.67
CA THR B 166 9.93 17.26 -3.80
C THR B 166 8.75 16.40 -3.31
N PRO B 167 8.72 15.12 -3.72
CA PRO B 167 7.64 14.21 -3.33
C PRO B 167 7.38 14.37 -1.84
N CYS B 168 6.20 14.87 -1.51
CA CYS B 168 5.83 15.14 -0.12
C CYS B 168 4.80 14.21 0.51
N ILE B 169 4.31 13.24 -0.25
CA ILE B 169 3.32 12.33 0.28
C ILE B 169 3.59 10.87 -0.04
N SER B 170 3.45 10.02 0.97
CA SER B 170 3.65 8.58 0.82
C SER B 170 2.39 7.93 0.28
N ALA B 171 2.58 6.83 -0.45
CA ALA B 171 1.46 6.08 -1.03
C ALA B 171 0.46 5.62 0.05
N LYS B 172 0.94 5.52 1.28
CA LYS B 172 0.11 5.07 2.39
C LYS B 172 -0.73 6.17 3.01
N ASP B 173 -0.54 7.41 2.56
CA ASP B 173 -1.27 8.54 3.14
C ASP B 173 -2.27 9.21 2.24
N ILE B 174 -2.74 8.48 1.23
CA ILE B 174 -3.72 9.03 0.31
C ILE B 174 -4.85 8.03 0.08
N VAL B 175 -6.06 8.57 -0.07
CA VAL B 175 -7.23 7.73 -0.32
C VAL B 175 -8.03 8.30 -1.48
N TYR B 176 -8.37 7.43 -2.43
CA TYR B 176 -9.16 7.81 -3.60
C TYR B 176 -10.62 7.42 -3.35
N ILE B 177 -11.55 8.21 -3.87
CA ILE B 177 -12.97 7.92 -3.76
C ILE B 177 -13.63 8.40 -5.04
N GLY B 178 -14.35 7.50 -5.72
CA GLY B 178 -15.05 7.87 -6.94
C GLY B 178 -14.47 7.38 -8.26
N LEU B 179 -13.37 6.63 -8.21
CA LEU B 179 -12.71 6.13 -9.42
C LEU B 179 -13.59 5.31 -10.37
N ARG B 180 -13.52 5.62 -11.66
CA ARG B 180 -14.28 4.88 -12.65
C ARG B 180 -13.73 4.93 -14.08
N ASP B 181 -12.59 5.60 -14.27
CA ASP B 181 -11.92 5.65 -15.57
C ASP B 181 -10.43 5.80 -15.30
N VAL B 182 -9.79 4.67 -14.99
CA VAL B 182 -8.38 4.61 -14.69
C VAL B 182 -7.62 3.99 -15.86
N ASP B 183 -6.49 4.57 -16.23
CA ASP B 183 -5.67 4.05 -17.33
C ASP B 183 -4.93 2.79 -16.90
N PRO B 184 -4.63 1.87 -17.85
CA PRO B 184 -3.92 0.62 -17.53
C PRO B 184 -2.66 0.81 -16.68
N GLY B 185 -1.88 1.83 -17.01
CA GLY B 185 -0.66 2.10 -16.25
C GLY B 185 -1.02 2.60 -14.87
N GLU B 186 -2.02 3.49 -14.81
CA GLU B 186 -2.46 4.02 -13.54
C GLU B 186 -2.92 2.92 -12.59
N HIS B 187 -3.59 1.91 -13.15
CA HIS B 187 -4.08 0.79 -12.35
C HIS B 187 -2.90 -0.02 -11.82
N TYR B 188 -1.87 -0.18 -12.64
CA TYR B 188 -0.68 -0.91 -12.24
C TYR B 188 -0.02 -0.22 -11.05
N ILE B 189 0.00 1.11 -11.08
CA ILE B 189 0.58 1.87 -9.98
C ILE B 189 -0.26 1.72 -8.72
N LEU B 190 -1.58 1.88 -8.86
CA LEU B 190 -2.49 1.75 -7.72
C LEU B 190 -2.22 0.45 -6.98
N LYS B 191 -2.33 -0.64 -7.72
CA LYS B 191 -2.13 -2.00 -7.22
C LYS B 191 -0.75 -2.23 -6.64
N THR B 192 0.28 -1.93 -7.43
CA THR B 192 1.67 -2.12 -7.03
C THR B 192 2.08 -1.40 -5.76
N LEU B 193 1.78 -0.11 -5.68
CA LEU B 193 2.14 0.70 -4.51
C LEU B 193 1.15 0.46 -3.37
N GLY B 194 -0.01 -0.09 -3.71
CA GLY B 194 -1.01 -0.38 -2.70
C GLY B 194 -1.74 0.85 -2.18
N ILE B 195 -2.02 1.81 -3.05
CA ILE B 195 -2.72 3.02 -2.64
C ILE B 195 -4.18 2.68 -2.35
N LYS B 196 -4.69 3.19 -1.22
CA LYS B 196 -6.07 2.95 -0.83
C LYS B 196 -7.03 3.64 -1.79
N TYR B 197 -8.04 2.90 -2.23
CA TYR B 197 -9.02 3.49 -3.14
C TYR B 197 -10.40 2.88 -2.98
N PHE B 198 -11.41 3.72 -3.22
CA PHE B 198 -12.79 3.30 -3.17
C PHE B 198 -13.35 3.73 -4.52
N SER B 199 -13.24 2.86 -5.51
CA SER B 199 -13.77 3.18 -6.84
C SER B 199 -15.29 3.07 -6.73
N MET B 200 -16.01 3.45 -7.78
CA MET B 200 -17.46 3.38 -7.73
C MET B 200 -17.94 1.97 -7.35
N THR B 201 -17.12 0.98 -7.67
CA THR B 201 -17.43 -0.41 -7.35
C THR B 201 -17.53 -0.59 -5.83
N GLU B 202 -16.54 -0.05 -5.12
CA GLU B 202 -16.50 -0.12 -3.66
C GLU B 202 -17.62 0.73 -3.06
N VAL B 203 -17.92 1.84 -3.71
CA VAL B 203 -18.98 2.73 -3.24
C VAL B 203 -20.32 2.01 -3.37
N ASP B 204 -20.51 1.29 -4.47
CA ASP B 204 -21.76 0.55 -4.66
C ASP B 204 -21.86 -0.56 -3.63
N ARG B 205 -20.74 -1.24 -3.43
CA ARG B 205 -20.66 -2.36 -2.49
C ARG B 205 -20.89 -1.97 -1.03
N LEU B 206 -20.11 -1.01 -0.55
CA LEU B 206 -20.19 -0.58 0.84
C LEU B 206 -21.21 0.49 1.21
N GLY B 207 -21.53 1.38 0.27
CA GLY B 207 -22.43 2.47 0.56
C GLY B 207 -21.48 3.59 0.95
N ILE B 208 -21.84 4.84 0.65
CA ILE B 208 -20.94 5.95 0.98
C ILE B 208 -20.70 6.06 2.48
N GLY B 209 -21.65 5.57 3.27
CA GLY B 209 -21.51 5.63 4.72
C GLY B 209 -20.28 4.89 5.19
N LYS B 210 -20.16 3.61 4.82
CA LYS B 210 -19.01 2.81 5.23
C LYS B 210 -17.74 3.28 4.53
N VAL B 211 -17.87 3.85 3.34
CA VAL B 211 -16.71 4.36 2.62
C VAL B 211 -16.00 5.45 3.41
N MET B 212 -16.76 6.36 4.00
CA MET B 212 -16.17 7.46 4.76
C MET B 212 -15.61 6.98 6.09
N GLU B 213 -16.28 5.99 6.67
CA GLU B 213 -15.85 5.41 7.93
C GLU B 213 -14.50 4.74 7.76
N GLU B 214 -14.38 3.92 6.72
CA GLU B 214 -13.14 3.22 6.43
C GLU B 214 -12.05 4.17 5.94
N THR B 215 -12.45 5.18 5.17
CA THR B 215 -11.50 6.17 4.67
C THR B 215 -10.86 6.96 5.82
N LEU B 216 -11.70 7.50 6.70
CA LEU B 216 -11.19 8.29 7.83
C LEU B 216 -10.45 7.44 8.83
N SER B 217 -10.87 6.19 8.97
CA SER B 217 -10.21 5.29 9.89
C SER B 217 -8.84 4.91 9.32
N TYR B 218 -8.77 4.80 8.00
CA TYR B 218 -7.52 4.45 7.34
C TYR B 218 -6.51 5.60 7.43
N LEU B 219 -6.99 6.83 7.32
CA LEU B 219 -6.11 7.99 7.37
C LEU B 219 -5.86 8.54 8.77
N LEU B 220 -6.87 8.53 9.64
CA LEU B 220 -6.75 9.09 10.98
C LEU B 220 -6.58 8.09 12.13
N GLY B 221 -6.61 6.80 11.80
CA GLY B 221 -6.46 5.78 12.84
C GLY B 221 -5.18 5.93 13.65
N ARG B 222 -4.04 5.69 13.02
CA ARG B 222 -2.73 5.77 13.66
C ARG B 222 -2.58 7.04 14.52
N LYS B 223 -3.04 8.16 13.99
CA LYS B 223 -2.97 9.44 14.69
C LYS B 223 -3.74 10.50 13.92
N LYS B 224 -4.19 11.54 14.64
CA LYS B 224 -4.94 12.62 14.02
C LYS B 224 -4.02 13.64 13.37
N ARG B 225 -3.97 13.63 12.05
CA ARG B 225 -3.12 14.55 11.29
C ARG B 225 -3.95 15.37 10.31
N PRO B 226 -3.40 16.50 9.84
CA PRO B 226 -4.11 17.38 8.90
C PRO B 226 -4.65 16.66 7.67
N ILE B 227 -5.75 17.18 7.13
CA ILE B 227 -6.38 16.59 5.96
C ILE B 227 -6.49 17.55 4.77
N HIS B 228 -6.04 17.08 3.61
CA HIS B 228 -6.11 17.88 2.39
C HIS B 228 -7.13 17.22 1.46
N LEU B 229 -8.24 17.89 1.21
CA LEU B 229 -9.26 17.35 0.31
C LEU B 229 -9.12 17.96 -1.08
N SER B 230 -8.71 17.15 -2.05
CA SER B 230 -8.58 17.61 -3.43
C SER B 230 -9.83 17.10 -4.14
N PHE B 231 -10.79 17.99 -4.36
CA PHE B 231 -12.05 17.61 -4.98
C PHE B 231 -12.15 17.95 -6.47
N ASP B 232 -12.22 16.91 -7.30
CA ASP B 232 -12.39 17.08 -8.74
C ASP B 232 -13.89 16.95 -8.95
N VAL B 233 -14.53 18.02 -9.44
CA VAL B 233 -15.95 18.00 -9.66
C VAL B 233 -16.40 16.84 -10.56
N ASP B 234 -15.50 16.33 -11.40
CA ASP B 234 -15.89 15.22 -12.27
C ASP B 234 -15.98 13.92 -11.50
N GLY B 235 -15.81 14.02 -10.18
CA GLY B 235 -15.92 12.85 -9.34
C GLY B 235 -17.40 12.53 -9.21
N LEU B 236 -18.23 13.58 -9.24
CA LEU B 236 -19.68 13.44 -9.16
C LEU B 236 -20.22 13.18 -10.56
N ASP B 237 -21.38 12.56 -10.64
CA ASP B 237 -21.99 12.23 -11.93
C ASP B 237 -22.27 13.47 -12.77
N PRO B 238 -22.02 13.38 -14.09
CA PRO B 238 -22.24 14.50 -15.01
C PRO B 238 -23.64 15.10 -15.03
N SER B 239 -24.60 14.47 -14.35
CA SER B 239 -25.96 15.01 -14.30
C SER B 239 -26.04 16.05 -13.18
N PHE B 240 -24.97 16.15 -12.40
CA PHE B 240 -24.89 17.12 -11.30
C PHE B 240 -23.79 18.13 -11.60
N THR B 241 -22.75 17.67 -12.28
CA THR B 241 -21.63 18.52 -12.63
C THR B 241 -21.23 18.34 -14.11
N PRO B 242 -22.17 18.64 -15.03
CA PRO B 242 -21.90 18.50 -16.47
C PRO B 242 -20.79 19.40 -17.04
N ALA B 243 -20.68 20.62 -16.51
CA ALA B 243 -19.68 21.59 -16.97
C ALA B 243 -18.27 21.29 -16.47
N THR B 244 -17.67 20.23 -17.01
CA THR B 244 -16.33 19.83 -16.63
C THR B 244 -15.67 19.19 -17.86
N GLY B 245 -14.35 19.29 -17.95
CA GLY B 245 -13.61 18.77 -19.09
C GLY B 245 -13.60 17.28 -19.39
N THR B 246 -13.74 16.44 -18.38
CA THR B 246 -13.72 15.00 -18.60
C THR B 246 -14.80 14.27 -17.79
N PRO B 247 -16.06 14.35 -18.25
CA PRO B 247 -17.15 13.69 -17.54
C PRO B 247 -17.23 12.19 -17.79
N VAL B 248 -17.55 11.44 -16.73
CA VAL B 248 -17.67 9.98 -16.84
C VAL B 248 -18.98 9.57 -16.16
N VAL B 249 -19.80 8.81 -16.87
CA VAL B 249 -21.10 8.36 -16.34
C VAL B 249 -20.97 7.44 -15.13
N GLY B 250 -22.03 7.36 -14.34
CA GLY B 250 -22.04 6.51 -13.16
C GLY B 250 -21.24 7.03 -11.97
N GLY B 251 -21.20 8.34 -11.81
CA GLY B 251 -20.43 8.93 -10.72
C GLY B 251 -21.15 9.06 -9.39
N LEU B 252 -20.49 9.74 -8.46
CA LEU B 252 -21.04 9.95 -7.13
C LEU B 252 -22.25 10.88 -7.25
N THR B 253 -23.26 10.64 -6.42
CA THR B 253 -24.46 11.45 -6.46
C THR B 253 -24.24 12.75 -5.71
N TYR B 254 -25.18 13.67 -5.87
CA TYR B 254 -25.14 14.96 -5.20
C TYR B 254 -25.09 14.66 -3.69
N ARG B 255 -26.02 13.81 -3.24
CA ARG B 255 -26.08 13.42 -1.83
C ARG B 255 -24.78 12.81 -1.33
N GLU B 256 -24.11 12.01 -2.16
CA GLU B 256 -22.85 11.39 -1.78
C GLU B 256 -21.74 12.44 -1.74
N GLY B 257 -21.85 13.46 -2.59
CA GLY B 257 -20.86 14.51 -2.60
C GLY B 257 -20.93 15.29 -1.30
N LEU B 258 -22.16 15.56 -0.85
CA LEU B 258 -22.37 16.30 0.39
C LEU B 258 -21.96 15.46 1.59
N TYR B 259 -22.27 14.17 1.56
CA TYR B 259 -21.91 13.30 2.69
C TYR B 259 -20.40 13.21 2.90
N ILE B 260 -19.65 13.07 1.81
CA ILE B 260 -18.19 12.99 1.89
C ILE B 260 -17.68 14.20 2.64
N THR B 261 -18.09 15.36 2.17
CA THR B 261 -17.67 16.63 2.75
C THR B 261 -18.19 16.91 4.17
N GLU B 262 -19.43 16.53 4.46
CA GLU B 262 -19.97 16.72 5.80
C GLU B 262 -19.18 15.89 6.81
N GLU B 263 -18.75 14.69 6.40
CA GLU B 263 -17.98 13.82 7.29
C GLU B 263 -16.54 14.32 7.50
N ILE B 264 -15.94 14.88 6.47
CA ILE B 264 -14.58 15.38 6.62
C ILE B 264 -14.59 16.63 7.53
N TYR B 265 -15.64 17.44 7.41
CA TYR B 265 -15.77 18.63 8.26
C TYR B 265 -15.82 18.23 9.73
N LYS B 266 -16.60 17.20 10.03
CA LYS B 266 -16.76 16.73 11.40
C LYS B 266 -15.48 16.23 12.06
N THR B 267 -14.49 15.86 11.27
CA THR B 267 -13.23 15.39 11.86
C THR B 267 -12.54 16.59 12.51
N GLY B 268 -12.80 17.76 11.94
CA GLY B 268 -12.18 18.97 12.46
C GLY B 268 -10.74 19.05 12.02
N LEU B 269 -10.33 18.17 11.12
CA LEU B 269 -8.95 18.14 10.63
C LEU B 269 -8.74 18.66 9.22
N LEU B 270 -9.79 19.19 8.59
CA LEU B 270 -9.65 19.73 7.25
C LEU B 270 -8.63 20.87 7.33
N SER B 271 -7.58 20.80 6.51
CA SER B 271 -6.53 21.81 6.54
C SER B 271 -6.35 22.48 5.17
N GLY B 272 -6.78 21.80 4.12
CA GLY B 272 -6.64 22.34 2.78
C GLY B 272 -7.68 21.72 1.87
N LEU B 273 -8.23 22.51 0.96
CA LEU B 273 -9.26 22.03 0.05
C LEU B 273 -9.08 22.56 -1.36
N ASP B 274 -9.32 21.70 -2.36
CA ASP B 274 -9.23 22.09 -3.76
C ASP B 274 -10.58 21.83 -4.42
N ILE B 275 -11.05 22.80 -5.19
CA ILE B 275 -12.30 22.67 -5.93
C ILE B 275 -11.84 22.82 -7.38
N MET B 276 -11.53 21.69 -8.00
CA MET B 276 -11.00 21.68 -9.36
C MET B 276 -11.91 21.19 -10.49
N GLU B 277 -11.49 21.54 -11.70
CA GLU B 277 -12.15 21.16 -12.95
C GLU B 277 -13.50 21.76 -13.31
N VAL B 278 -13.90 22.87 -12.71
CA VAL B 278 -15.17 23.46 -13.12
C VAL B 278 -14.89 24.30 -14.38
N ASN B 279 -15.50 23.92 -15.49
CA ASN B 279 -15.30 24.62 -16.74
C ASN B 279 -16.64 25.11 -17.27
N PRO B 280 -17.03 26.33 -16.89
CA PRO B 280 -18.30 26.91 -17.32
C PRO B 280 -18.55 26.84 -18.84
N SER B 281 -17.48 27.05 -19.60
CA SER B 281 -17.54 27.04 -21.06
C SER B 281 -17.95 25.69 -21.65
N LEU B 282 -17.98 24.65 -20.82
CA LEU B 282 -18.34 23.31 -21.29
C LEU B 282 -19.77 22.88 -20.97
N GLY B 283 -20.56 23.81 -20.45
CA GLY B 283 -21.95 23.48 -20.16
C GLY B 283 -22.71 23.65 -21.46
N LYS B 284 -23.55 22.68 -21.81
CA LYS B 284 -24.32 22.78 -23.05
C LYS B 284 -25.36 23.89 -22.99
N THR B 285 -25.88 24.13 -21.79
CA THR B 285 -26.89 25.17 -21.57
C THR B 285 -26.51 26.00 -20.34
N PRO B 286 -27.04 27.23 -20.24
CA PRO B 286 -26.74 28.10 -19.10
C PRO B 286 -27.12 27.40 -17.79
N GLU B 287 -28.16 26.58 -17.86
CA GLU B 287 -28.66 25.83 -16.73
C GLU B 287 -27.58 24.83 -16.31
N GLU B 288 -26.97 24.18 -17.30
CA GLU B 288 -25.93 23.21 -17.03
C GLU B 288 -24.72 23.84 -16.33
N VAL B 289 -24.52 25.13 -16.55
CA VAL B 289 -23.41 25.84 -15.91
C VAL B 289 -23.72 26.13 -14.44
N THR B 290 -24.91 26.68 -14.18
CA THR B 290 -25.29 26.99 -12.80
C THR B 290 -25.43 25.71 -11.97
N ARG B 291 -25.91 24.65 -12.61
CA ARG B 291 -26.07 23.38 -11.91
C ARG B 291 -24.72 22.92 -11.41
N THR B 292 -23.72 23.02 -12.28
CA THR B 292 -22.36 22.61 -11.95
C THR B 292 -21.72 23.53 -10.89
N VAL B 293 -21.88 24.84 -11.07
CA VAL B 293 -21.34 25.82 -10.13
C VAL B 293 -22.02 25.73 -8.75
N ASN B 294 -23.34 25.65 -8.73
CA ASN B 294 -24.09 25.55 -7.47
C ASN B 294 -23.71 24.29 -6.69
N THR B 295 -23.53 23.18 -7.40
CA THR B 295 -23.16 21.92 -6.76
C THR B 295 -21.77 22.04 -6.15
N ALA B 296 -20.87 22.72 -6.86
CA ALA B 296 -19.51 22.92 -6.37
C ALA B 296 -19.54 23.81 -5.13
N VAL B 297 -20.37 24.85 -5.17
CA VAL B 297 -20.50 25.76 -4.03
C VAL B 297 -21.08 25.02 -2.84
N ALA B 298 -22.09 24.20 -3.09
CA ALA B 298 -22.71 23.44 -2.01
C ALA B 298 -21.70 22.48 -1.40
N ILE B 299 -20.86 21.89 -2.25
CA ILE B 299 -19.83 20.95 -1.83
C ILE B 299 -18.85 21.64 -0.89
N THR B 300 -18.45 22.85 -1.27
CA THR B 300 -17.51 23.65 -0.51
C THR B 300 -18.08 24.05 0.85
N LEU B 301 -19.33 24.51 0.85
CA LEU B 301 -20.00 24.93 2.09
C LEU B 301 -20.10 23.81 3.13
N ALA B 302 -20.31 22.59 2.67
CA ALA B 302 -20.40 21.43 3.57
C ALA B 302 -19.05 21.21 4.22
N CYS B 303 -17.99 21.52 3.49
CA CYS B 303 -16.65 21.37 4.00
C CYS B 303 -16.39 22.30 5.17
N PHE B 304 -17.17 23.38 5.25
CA PHE B 304 -16.97 24.33 6.33
C PHE B 304 -18.10 24.45 7.34
N GLY B 305 -18.82 23.35 7.57
CA GLY B 305 -19.87 23.36 8.55
C GLY B 305 -21.34 23.28 8.16
N LEU B 306 -21.67 23.55 6.90
CA LEU B 306 -23.07 23.48 6.50
C LEU B 306 -23.55 22.03 6.50
N ALA B 307 -24.45 21.73 7.43
CA ALA B 307 -25.02 20.40 7.58
C ALA B 307 -26.48 20.36 7.15
N ARG B 308 -26.86 19.28 6.47
CA ARG B 308 -28.21 19.12 6.00
C ARG B 308 -29.25 18.97 7.12
N GLU B 309 -28.81 18.54 8.30
CA GLU B 309 -29.71 18.41 9.44
C GLU B 309 -30.01 19.80 10.00
N GLY B 310 -29.22 20.78 9.56
CA GLY B 310 -29.42 22.13 10.02
C GLY B 310 -28.23 22.69 10.80
N ASN B 311 -28.29 23.98 11.09
CA ASN B 311 -27.24 24.68 11.85
C ASN B 311 -27.82 25.77 12.73
N HIS B 312 -27.17 26.02 13.87
CA HIS B 312 -27.62 27.07 14.77
C HIS B 312 -26.46 27.54 15.65
N LYS B 313 -26.40 28.85 15.88
CA LYS B 313 -25.35 29.42 16.70
C LYS B 313 -25.70 29.34 18.17
N PRO B 314 -24.69 29.30 19.05
CA PRO B 314 -24.83 29.22 20.52
C PRO B 314 -25.84 30.15 21.19
N ILE B 315 -26.51 30.97 20.40
CA ILE B 315 -27.52 31.89 20.94
C ILE B 315 -28.80 31.11 21.22
N ASP B 316 -29.68 31.67 22.06
CA ASP B 316 -30.93 31.00 22.36
C ASP B 316 -31.94 31.42 21.28
N TYR B 317 -32.66 30.44 20.74
CA TYR B 317 -33.64 30.72 19.69
C TYR B 317 -35.05 30.86 20.24
N LEU B 318 -35.22 30.55 21.53
CA LEU B 318 -36.51 30.66 22.19
C LEU B 318 -36.51 31.86 23.15
MN MN C . 10.16 -9.61 7.02
MN MN D . 8.07 -12.23 7.34
N EXY E . 6.20 -5.19 12.21
CA EXY E . 5.72 -4.42 11.05
C EXY E . 4.18 -4.60 10.94
O EXY E . 3.48 -4.06 10.04
OXT EXY E . 3.60 -5.32 11.81
CB EXY E . 6.45 -4.91 9.76
CG EXY E . 5.88 -6.26 9.35
CD EXY E . 6.73 -6.89 8.30
CE EXY E . 6.13 -8.18 7.94
CF EXY E . 6.97 -8.85 6.91
CH EXY E . 6.37 -10.22 6.50
OF EXY E . 7.68 -10.09 7.00
MN MN F . -11.12 13.77 -13.03
MN MN G . -8.68 15.16 -11.30
N EXY H . -6.17 9.65 -17.19
CA EXY H . -6.42 10.44 -18.39
C EXY H . -5.10 11.17 -18.83
O EXY H . -5.02 11.93 -19.83
OXT EXY H . -4.08 10.97 -18.12
CB EXY H . -7.58 11.44 -18.13
CG EXY H . -7.09 12.53 -17.19
CD EXY H . -8.25 13.07 -16.40
CE EXY H . -7.75 14.11 -15.51
CF EXY H . -8.89 14.65 -14.69
CH EXY H . -8.40 15.76 -13.72
OF EXY H . -9.09 14.60 -13.27
#